data_8DYI
#
_entry.id   8DYI
#
_cell.length_a   172.938
_cell.length_b   30.507
_cell.length_c   50.239
_cell.angle_alpha   90.000
_cell.angle_beta   102.710
_cell.angle_gamma   90.000
#
_symmetry.space_group_name_H-M   'C 1 2 1'
#
loop_
_entity.id
_entity.type
_entity.pdbx_description
1 polymer Interleukin-17A
2 non-polymer (5P)-5-[5-(benzylamino)pyridin-3-yl]-N-[2-(morpholin-4-yl)ethyl]-1H-indazol-3-amine
3 water water
#
_entity_poly.entity_id   1
_entity_poly.type   'polypeptide(L)'
_entity_poly.pdbx_seq_one_letter_code
;GSAMAPNSEDKNFPRTVMVNLNIHNRNTNTNPKRSSDYYNRSTSPWNLHRNEDPERYPSVIWEAKCRHLGCINADGNVDY
HMNSVPIQQEILVLRREPPHSPNSFRLEKILVSVGCTCVTPIVHHVA
;
_entity_poly.pdbx_strand_id   A,B
#
loop_
_chem_comp.id
_chem_comp.type
_chem_comp.name
_chem_comp.formula
U6C non-polymer (5P)-5-[5-(benzylamino)pyridin-3-yl]-N-[2-(morpholin-4-yl)ethyl]-1H-indazol-3-amine 'C25 H28 N6 O'
#
# COMPACT_ATOMS: atom_id res chain seq x y z
N ARG A 15 -10.08 -7.82 -25.95
CA ARG A 15 -11.52 -7.76 -25.76
C ARG A 15 -11.97 -6.39 -25.26
N THR A 16 -13.02 -5.85 -25.87
CA THR A 16 -13.68 -4.67 -25.35
C THR A 16 -14.77 -5.10 -24.37
N VAL A 17 -14.97 -4.28 -23.33
CA VAL A 17 -15.84 -4.67 -22.23
C VAL A 17 -16.64 -3.46 -21.76
N MET A 18 -17.69 -3.75 -20.99
CA MET A 18 -18.69 -2.77 -20.58
C MET A 18 -18.67 -2.65 -19.05
N VAL A 19 -18.67 -1.41 -18.56
CA VAL A 19 -18.44 -1.14 -17.14
C VAL A 19 -19.45 -0.11 -16.66
N ASN A 20 -20.04 -0.35 -15.48
CA ASN A 20 -20.99 0.54 -14.85
C ASN A 20 -20.30 1.33 -13.75
N LEU A 21 -20.57 2.63 -13.70
CA LEU A 21 -20.00 3.51 -12.67
C LEU A 21 -21.10 3.99 -11.73
N PRO A 32 -8.29 5.82 2.75
CA PRO A 32 -7.64 5.73 4.07
C PRO A 32 -6.55 6.77 4.27
N LYS A 33 -5.84 7.16 3.21
CA LYS A 33 -4.73 8.08 3.43
C LYS A 33 -5.20 9.50 3.73
N ARG A 34 -6.52 9.74 3.76
CA ARG A 34 -7.09 11.00 4.23
C ARG A 34 -7.41 11.00 5.72
N SER A 35 -7.39 9.84 6.34
CA SER A 35 -7.74 9.70 7.75
C SER A 35 -6.70 8.93 8.55
N SER A 36 -5.73 8.29 7.92
N SER A 36 -5.72 8.30 7.91
CA SER A 36 -4.65 7.60 8.61
CA SER A 36 -4.65 7.60 8.60
C SER A 36 -3.62 8.59 9.15
C SER A 36 -3.61 8.57 9.11
N ASP A 37 -2.90 8.15 10.17
CA ASP A 37 -1.83 8.95 10.79
C ASP A 37 -0.48 8.24 10.82
N TYR A 38 -0.39 7.03 10.27
CA TYR A 38 0.86 6.29 10.32
C TYR A 38 1.98 7.06 9.66
N TYR A 39 1.64 7.87 8.67
CA TYR A 39 2.62 8.59 7.84
C TYR A 39 3.50 9.54 8.65
N ASN A 40 2.95 10.16 9.70
CA ASN A 40 3.65 11.14 10.54
C ASN A 40 4.12 10.54 11.86
N ARG A 41 3.94 9.24 12.04
CA ARG A 41 4.18 8.54 13.28
C ARG A 41 5.10 7.32 13.03
N SER A 42 5.36 7.00 11.78
CA SER A 42 6.21 5.90 11.36
C SER A 42 7.70 6.19 11.61
N THR A 43 8.49 5.11 11.68
CA THR A 43 9.95 5.20 11.70
C THR A 43 10.48 5.48 10.32
N SER A 44 9.63 5.34 9.31
CA SER A 44 9.90 5.72 7.94
C SER A 44 8.75 6.61 7.52
N PRO A 45 8.67 7.81 8.08
CA PRO A 45 7.54 8.69 7.79
C PRO A 45 7.53 9.05 6.31
N TRP A 46 6.38 9.57 5.86
CA TRP A 46 6.27 9.92 4.46
C TRP A 46 5.43 11.17 4.23
N ASN A 47 5.60 11.75 3.04
CA ASN A 47 4.83 12.88 2.55
C ASN A 47 3.76 12.42 1.56
N LEU A 48 2.76 13.26 1.36
CA LEU A 48 1.66 12.99 0.45
C LEU A 48 1.54 14.09 -0.60
N HIS A 49 1.44 13.69 -1.86
CA HIS A 49 1.21 14.60 -2.96
C HIS A 49 -0.08 14.19 -3.66
N ARG A 50 -0.98 15.16 -3.84
CA ARG A 50 -2.31 14.88 -4.36
C ARG A 50 -2.29 15.06 -5.87
N ASN A 51 -2.89 14.12 -6.59
CA ASN A 51 -2.99 14.20 -8.04
C ASN A 51 -4.46 14.23 -8.41
N GLU A 52 -4.94 15.43 -8.76
CA GLU A 52 -6.30 15.62 -9.26
C GLU A 52 -6.29 15.56 -10.78
N ASP A 53 -7.23 14.80 -11.34
CA ASP A 53 -7.38 14.68 -12.79
C ASP A 53 -8.85 14.48 -13.12
N PRO A 54 -9.48 15.38 -13.88
CA PRO A 54 -10.91 15.21 -14.15
C PRO A 54 -11.18 14.10 -15.16
N GLU A 55 -10.23 13.80 -16.05
CA GLU A 55 -10.39 12.78 -17.07
C GLU A 55 -9.78 11.45 -16.65
N ARG A 56 -9.97 11.07 -15.40
CA ARG A 56 -9.44 9.82 -14.88
C ARG A 56 -10.39 9.28 -13.82
N TYR A 57 -10.40 7.96 -13.67
CA TYR A 57 -10.98 7.30 -12.52
C TYR A 57 -9.92 6.35 -12.00
N PRO A 58 -9.43 6.52 -10.75
CA PRO A 58 -9.90 7.55 -9.82
C PRO A 58 -9.48 8.94 -10.22
N SER A 59 -10.31 9.93 -9.91
CA SER A 59 -9.88 11.29 -10.18
C SER A 59 -8.67 11.66 -9.33
N VAL A 60 -8.70 11.28 -8.05
CA VAL A 60 -7.72 11.72 -7.06
C VAL A 60 -6.85 10.54 -6.64
N ILE A 61 -5.54 10.75 -6.66
CA ILE A 61 -4.58 9.74 -6.22
C ILE A 61 -3.53 10.43 -5.36
N TRP A 62 -3.43 10.03 -4.09
CA TRP A 62 -2.38 10.50 -3.20
C TRP A 62 -1.16 9.60 -3.36
N GLU A 63 -0.03 10.19 -3.71
CA GLU A 63 1.22 9.45 -3.89
C GLU A 63 2.13 9.71 -2.70
N ALA A 64 2.59 8.63 -2.06
CA ALA A 64 3.47 8.78 -0.90
C ALA A 64 4.91 9.03 -1.34
N LYS A 65 5.62 9.82 -0.54
CA LYS A 65 7.01 10.16 -0.82
C LYS A 65 7.80 10.05 0.48
N CYS A 66 8.73 9.10 0.56
CA CYS A 66 9.55 8.97 1.75
C CYS A 66 10.14 10.32 2.19
N ARG A 67 9.87 10.68 3.45
CA ARG A 67 10.43 11.87 4.08
C ARG A 67 11.95 11.83 4.17
N HIS A 68 12.49 10.77 4.73
CA HIS A 68 13.92 10.61 4.86
C HIS A 68 14.36 9.42 4.04
N LEU A 69 15.66 9.29 3.86
CA LEU A 69 16.26 8.13 3.25
C LEU A 69 16.63 7.09 4.29
N GLY A 70 17.02 7.56 5.48
CA GLY A 70 17.26 6.69 6.61
C GLY A 70 15.97 6.43 7.36
N CYS A 71 16.10 6.02 8.60
CA CYS A 71 14.93 5.72 9.43
C CYS A 71 15.10 6.45 10.75
N ILE A 72 14.02 6.50 11.55
CA ILE A 72 14.00 7.28 12.78
C ILE A 72 14.29 6.37 13.98
N ASN A 73 15.27 6.76 14.80
CA ASN A 73 15.66 5.97 15.96
C ASN A 73 14.85 6.41 17.18
N ALA A 74 15.18 5.84 18.35
CA ALA A 74 14.40 6.06 19.56
C ALA A 74 14.30 7.55 19.90
N ASP A 75 15.35 8.33 19.60
CA ASP A 75 15.43 9.72 20.02
C ASP A 75 14.85 10.68 19.00
N GLY A 76 14.11 10.17 18.03
CA GLY A 76 13.60 11.02 16.96
C GLY A 76 14.65 11.51 16.00
N ASN A 77 15.81 10.85 15.94
CA ASN A 77 16.86 11.21 15.00
C ASN A 77 16.97 10.17 13.89
N VAL A 78 17.51 10.59 12.75
CA VAL A 78 17.54 9.73 11.58
C VAL A 78 18.79 8.85 11.62
N ASP A 79 18.58 7.54 11.55
CA ASP A 79 19.66 6.55 11.43
C ASP A 79 19.86 6.28 9.94
N TYR A 80 21.00 6.70 9.42
CA TYR A 80 21.24 6.57 7.97
C TYR A 80 21.74 5.19 7.58
N HIS A 81 21.81 4.25 8.53
CA HIS A 81 22.21 2.88 8.30
C HIS A 81 21.02 1.93 8.09
N MET A 82 19.81 2.46 8.13
CA MET A 82 18.58 1.76 7.80
C MET A 82 17.92 2.53 6.67
N ASN A 83 17.01 1.92 5.94
CA ASN A 83 16.50 2.63 4.77
C ASN A 83 14.99 2.75 4.78
N SER A 84 14.52 3.98 4.62
CA SER A 84 13.14 4.22 4.25
C SER A 84 12.96 3.84 2.80
N VAL A 85 11.99 3.00 2.51
CA VAL A 85 11.72 2.66 1.11
C VAL A 85 10.22 2.78 0.85
N PRO A 86 9.78 3.26 -0.32
CA PRO A 86 8.35 3.29 -0.64
C PRO A 86 7.81 1.93 -1.05
N ILE A 87 6.67 1.61 -0.50
CA ILE A 87 5.91 0.43 -0.88
C ILE A 87 5.02 0.79 -2.07
N GLN A 88 5.14 0.03 -3.15
CA GLN A 88 4.39 0.29 -4.38
C GLN A 88 3.19 -0.66 -4.51
N GLN A 89 2.20 -0.22 -5.29
CA GLN A 89 0.99 -1.00 -5.54
C GLN A 89 0.48 -0.72 -6.96
N GLU A 90 0.27 -1.77 -7.74
CA GLU A 90 -0.31 -1.64 -9.06
C GLU A 90 -1.81 -1.44 -8.93
N ILE A 91 -2.33 -0.37 -9.51
CA ILE A 91 -3.75 -0.07 -9.41
C ILE A 91 -4.32 0.12 -10.81
N LEU A 92 -5.62 -0.10 -10.92
CA LEU A 92 -6.33 0.09 -12.17
C LEU A 92 -6.73 1.55 -12.34
N VAL A 93 -6.64 2.05 -13.57
CA VAL A 93 -6.92 3.44 -13.87
C VAL A 93 -7.66 3.51 -15.20
N LEU A 94 -8.74 4.29 -15.25
CA LEU A 94 -9.53 4.48 -16.46
C LEU A 94 -9.27 5.87 -17.01
N ARG A 95 -9.04 5.96 -18.32
CA ARG A 95 -8.80 7.24 -18.98
C ARG A 95 -9.86 7.54 -20.03
N PHE A 105 -12.89 5.05 -23.46
CA PHE A 105 -12.14 4.70 -22.25
C PHE A 105 -11.09 3.63 -22.51
N ARG A 106 -9.97 3.74 -21.79
CA ARG A 106 -8.88 2.77 -21.83
C ARG A 106 -8.51 2.40 -20.41
N LEU A 107 -8.31 1.11 -20.17
CA LEU A 107 -7.95 0.63 -18.83
C LEU A 107 -6.43 0.54 -18.74
N GLU A 108 -5.86 1.25 -17.77
CA GLU A 108 -4.42 1.34 -17.59
C GLU A 108 -4.02 0.81 -16.22
N LYS A 109 -2.74 0.51 -16.07
CA LYS A 109 -2.14 0.10 -14.81
C LYS A 109 -1.00 1.05 -14.47
N ILE A 110 -1.09 1.72 -13.32
CA ILE A 110 0.00 2.54 -12.82
C ILE A 110 0.46 2.02 -11.48
N LEU A 111 1.72 2.30 -11.15
CA LEU A 111 2.28 2.00 -9.84
C LEU A 111 2.18 3.24 -8.99
N VAL A 112 1.63 3.09 -7.80
CA VAL A 112 1.45 4.20 -6.86
C VAL A 112 2.15 3.86 -5.56
N SER A 113 3.02 4.76 -5.09
CA SER A 113 3.60 4.66 -3.76
C SER A 113 2.53 4.93 -2.71
N VAL A 114 2.36 3.97 -1.80
CA VAL A 114 1.27 3.97 -0.84
C VAL A 114 1.76 4.40 0.54
N GLY A 115 3.04 4.16 0.83
CA GLY A 115 3.66 4.54 2.10
C GLY A 115 5.11 4.06 2.07
N CYS A 116 5.82 4.29 3.18
CA CYS A 116 7.21 3.84 3.30
C CYS A 116 7.40 2.95 4.53
N THR A 117 8.22 1.91 4.37
CA THR A 117 8.61 1.01 5.45
C THR A 117 10.11 1.16 5.70
N CYS A 118 10.57 0.66 6.84
CA CYS A 118 11.98 0.76 7.22
C CYS A 118 12.66 -0.58 6.96
N VAL A 119 13.68 -0.60 6.09
CA VAL A 119 14.32 -1.88 5.77
C VAL A 119 15.79 -1.82 6.12
N THR A 120 16.28 -2.97 6.49
CA THR A 120 17.70 -3.19 6.60
C THR A 120 18.30 -3.18 5.20
N PRO A 121 19.33 -2.38 4.93
CA PRO A 121 19.97 -2.47 3.60
C PRO A 121 20.45 -3.90 3.36
N ILE A 122 20.55 -4.25 2.07
CA ILE A 122 20.84 -5.64 1.68
C ILE A 122 22.15 -6.11 2.26
N VAL A 123 23.07 -5.20 2.50
CA VAL A 123 24.27 -5.47 3.28
C VAL A 123 24.14 -4.63 4.53
N HIS A 124 23.89 -5.28 5.66
CA HIS A 124 23.73 -4.58 6.91
C HIS A 124 24.91 -4.88 7.83
N THR B 16 -21.76 4.55 -17.14
CA THR B 16 -21.70 3.50 -18.16
C THR B 16 -20.75 3.89 -19.28
N VAL B 17 -19.61 3.19 -19.37
CA VAL B 17 -18.59 3.47 -20.37
C VAL B 17 -18.06 2.16 -20.94
N MET B 18 -17.63 2.20 -22.20
CA MET B 18 -17.16 1.02 -22.91
C MET B 18 -15.64 1.03 -22.94
N VAL B 19 -15.02 0.05 -22.29
CA VAL B 19 -13.57 -0.03 -22.18
C VAL B 19 -13.01 -1.27 -22.87
N SER B 35 8.38 -9.71 -7.10
CA SER B 35 9.80 -9.44 -7.25
C SER B 35 10.44 -8.66 -6.08
N SER B 36 9.67 -7.82 -5.40
CA SER B 36 10.19 -6.96 -4.34
C SER B 36 10.50 -7.74 -3.05
N ASP B 37 11.66 -7.47 -2.46
CA ASP B 37 12.04 -7.96 -1.12
C ASP B 37 12.12 -6.76 -0.18
N TYR B 38 10.97 -6.28 0.24
CA TYR B 38 10.82 -5.38 1.37
C TYR B 38 10.06 -6.07 2.49
N TYR B 39 9.06 -6.83 2.09
CA TYR B 39 8.23 -7.60 3.01
C TYR B 39 9.06 -8.40 3.99
N ASN B 40 10.19 -8.97 3.53
CA ASN B 40 10.98 -9.87 4.37
C ASN B 40 12.21 -9.22 4.99
N ARG B 41 12.45 -7.94 4.70
CA ARG B 41 13.57 -7.15 5.23
C ARG B 41 13.10 -6.04 6.15
N SER B 42 11.83 -5.69 6.10
CA SER B 42 11.29 -4.60 6.92
C SER B 42 11.59 -4.80 8.41
N THR B 43 11.58 -3.71 9.18
CA THR B 43 11.52 -3.78 10.64
C THR B 43 10.11 -4.13 11.11
N SER B 44 9.16 -4.04 10.20
CA SER B 44 7.79 -4.48 10.37
C SER B 44 7.53 -5.40 9.19
N PRO B 45 8.07 -6.61 9.23
CA PRO B 45 7.93 -7.52 8.10
C PRO B 45 6.47 -7.91 7.92
N TRP B 46 6.13 -8.37 6.71
CA TRP B 46 4.76 -8.84 6.49
C TRP B 46 4.72 -10.11 5.66
N ASN B 47 3.58 -10.81 5.74
CA ASN B 47 3.28 -11.99 4.94
C ASN B 47 2.36 -11.57 3.81
N LEU B 48 2.26 -12.42 2.80
CA LEU B 48 1.53 -12.10 1.58
C LEU B 48 0.51 -13.19 1.29
N HIS B 49 -0.72 -12.77 1.00
CA HIS B 49 -1.85 -13.66 0.78
C HIS B 49 -2.45 -13.40 -0.58
N ARG B 50 -3.04 -14.44 -1.15
CA ARG B 50 -3.77 -14.29 -2.40
C ARG B 50 -5.25 -14.06 -2.11
N ASN B 51 -5.91 -13.36 -3.02
CA ASN B 51 -7.30 -12.90 -2.84
C ASN B 51 -8.05 -13.24 -4.13
N GLU B 52 -8.61 -14.44 -4.20
CA GLU B 52 -9.23 -14.93 -5.43
C GLU B 52 -10.71 -14.57 -5.50
N ASP B 53 -11.17 -14.27 -6.72
CA ASP B 53 -12.55 -13.98 -7.08
C ASP B 53 -12.65 -14.00 -8.60
N PRO B 54 -13.33 -15.01 -9.18
CA PRO B 54 -13.32 -15.13 -10.65
C PRO B 54 -14.10 -14.02 -11.34
N GLU B 55 -15.11 -13.48 -10.68
CA GLU B 55 -15.87 -12.34 -11.21
C GLU B 55 -15.24 -11.03 -10.75
N ARG B 56 -13.98 -10.85 -11.13
CA ARG B 56 -13.22 -9.66 -10.74
C ARG B 56 -11.98 -9.54 -11.60
N TYR B 57 -11.64 -8.30 -11.95
CA TYR B 57 -10.45 -7.98 -12.73
C TYR B 57 -9.72 -6.84 -12.03
N PRO B 58 -8.49 -7.04 -11.52
CA PRO B 58 -7.67 -8.26 -11.56
C PRO B 58 -8.23 -9.41 -10.72
N SER B 59 -7.96 -10.64 -11.15
CA SER B 59 -8.53 -11.82 -10.50
C SER B 59 -7.96 -12.00 -9.09
N VAL B 60 -6.64 -11.99 -8.96
CA VAL B 60 -5.98 -12.18 -7.67
C VAL B 60 -5.22 -10.91 -7.30
N ILE B 61 -5.28 -10.57 -6.02
CA ILE B 61 -4.61 -9.40 -5.47
C ILE B 61 -3.74 -9.85 -4.32
N TRP B 62 -2.45 -9.50 -4.36
CA TRP B 62 -1.61 -9.78 -3.21
C TRP B 62 -2.01 -8.88 -2.05
N GLU B 63 -2.30 -9.49 -0.90
CA GLU B 63 -2.75 -8.80 0.29
C GLU B 63 -1.76 -9.07 1.41
N ALA B 64 -1.18 -8.00 1.95
CA ALA B 64 -0.16 -8.11 2.99
C ALA B 64 -0.78 -8.30 4.37
N LYS B 65 -0.06 -9.04 5.23
CA LYS B 65 -0.47 -9.25 6.62
C LYS B 65 0.73 -9.03 7.52
N CYS B 66 0.61 -8.12 8.48
CA CYS B 66 1.72 -7.84 9.37
C CYS B 66 2.19 -9.12 10.07
N ARG B 67 3.49 -9.41 9.97
CA ARG B 67 4.05 -10.61 10.58
C ARG B 67 4.04 -10.53 12.10
N HIS B 68 4.40 -9.37 12.66
CA HIS B 68 4.49 -9.20 14.09
C HIS B 68 3.49 -8.18 14.61
N LEU B 69 3.35 -8.18 15.93
CA LEU B 69 2.63 -7.10 16.60
C LEU B 69 3.55 -5.92 16.81
N GLY B 70 4.74 -6.17 17.31
CA GLY B 70 5.75 -5.15 17.51
C GLY B 70 6.62 -4.96 16.30
N CYS B 71 7.89 -4.63 16.53
CA CYS B 71 8.81 -4.31 15.45
C CYS B 71 10.19 -4.86 15.79
N ILE B 72 10.90 -5.32 14.76
CA ILE B 72 12.20 -5.95 14.91
C ILE B 72 13.23 -4.90 15.31
N ASN B 73 13.99 -5.18 16.38
CA ASN B 73 15.02 -4.26 16.85
C ASN B 73 16.37 -4.61 16.23
N ALA B 74 17.43 -3.93 16.69
CA ALA B 74 18.76 -4.15 16.13
C ALA B 74 19.21 -5.59 16.29
N ASP B 75 18.79 -6.26 17.38
CA ASP B 75 19.12 -7.66 17.62
C ASP B 75 18.25 -8.63 16.85
N GLY B 76 17.22 -8.12 16.16
CA GLY B 76 16.34 -9.00 15.43
C GLY B 76 15.28 -9.68 16.27
N ASN B 77 15.12 -9.27 17.52
CA ASN B 77 13.98 -9.67 18.33
C ASN B 77 12.88 -8.63 18.19
N VAL B 78 11.70 -8.97 18.66
CA VAL B 78 10.56 -8.09 18.53
C VAL B 78 10.55 -7.12 19.70
N ASP B 79 10.50 -5.84 19.37
CA ASP B 79 10.33 -4.80 20.36
C ASP B 79 8.84 -4.46 20.38
N TYR B 80 8.17 -4.88 21.47
CA TYR B 80 6.75 -4.65 21.65
C TYR B 80 6.42 -3.24 22.08
N HIS B 81 7.43 -2.41 22.38
CA HIS B 81 7.25 -0.99 22.59
C HIS B 81 6.79 -0.28 21.31
N MET B 82 6.85 -0.95 20.16
CA MET B 82 6.51 -0.34 18.88
C MET B 82 5.48 -1.22 18.20
N ASN B 83 4.81 -0.66 17.19
CA ASN B 83 3.72 -1.36 16.52
C ASN B 83 3.99 -1.54 15.04
N SER B 84 3.88 -2.78 14.57
CA SER B 84 3.74 -3.06 13.15
C SER B 84 2.31 -2.75 12.74
N VAL B 85 2.11 -1.85 11.78
CA VAL B 85 0.75 -1.59 11.33
C VAL B 85 0.59 -1.70 9.81
N PRO B 86 -0.51 -2.30 9.35
CA PRO B 86 -0.75 -2.45 7.90
C PRO B 86 -1.18 -1.16 7.24
N ILE B 87 -0.57 -0.86 6.10
CA ILE B 87 -0.81 0.35 5.31
C ILE B 87 -1.75 -0.01 4.16
N GLN B 88 -2.78 0.78 3.95
CA GLN B 88 -3.76 0.36 2.96
C GLN B 88 -3.90 1.35 1.80
N GLN B 89 -4.41 0.83 0.70
CA GLN B 89 -4.60 1.54 -0.54
C GLN B 89 -5.99 1.23 -1.07
N GLU B 90 -6.70 2.27 -1.50
CA GLU B 90 -7.97 2.08 -2.18
C GLU B 90 -7.72 1.76 -3.64
N ILE B 91 -8.24 0.63 -4.11
CA ILE B 91 -8.06 0.23 -5.50
C ILE B 91 -9.41 0.08 -6.18
N LEU B 92 -9.42 0.34 -7.48
CA LEU B 92 -10.57 0.10 -8.33
C LEU B 92 -10.53 -1.34 -8.84
N VAL B 93 -11.70 -1.97 -8.85
CA VAL B 93 -11.81 -3.35 -9.33
C VAL B 93 -13.12 -3.48 -10.09
N LEU B 94 -13.10 -4.32 -11.12
CA LEU B 94 -14.25 -4.57 -11.96
C LEU B 94 -14.84 -5.93 -11.58
N ARG B 95 -16.06 -5.92 -11.03
CA ARG B 95 -16.77 -7.13 -10.67
C ARG B 95 -17.87 -7.40 -11.68
N ARG B 96 -17.89 -8.63 -12.21
CA ARG B 96 -18.87 -9.00 -13.23
C ARG B 96 -20.29 -8.81 -12.72
N GLU B 97 -21.12 -8.14 -13.53
CA GLU B 97 -22.53 -7.89 -13.25
C GLU B 97 -23.29 -7.79 -14.57
N PRO B 98 -24.26 -8.68 -14.83
CA PRO B 98 -24.70 -9.77 -13.94
C PRO B 98 -23.58 -10.75 -13.58
N PRO B 99 -23.81 -11.54 -12.53
CA PRO B 99 -22.77 -12.46 -12.07
C PRO B 99 -22.29 -13.41 -13.17
N HIS B 100 -20.98 -13.59 -13.24
CA HIS B 100 -20.34 -14.49 -14.19
C HIS B 100 -20.64 -14.06 -15.63
N SER B 101 -20.40 -12.78 -15.91
CA SER B 101 -20.59 -12.22 -17.24
C SER B 101 -19.25 -11.75 -17.78
N PRO B 102 -18.77 -12.28 -18.91
CA PRO B 102 -17.48 -11.85 -19.46
C PRO B 102 -17.53 -10.52 -20.21
N ASN B 103 -18.65 -9.81 -20.21
CA ASN B 103 -18.79 -8.58 -20.96
C ASN B 103 -19.19 -7.38 -20.11
N SER B 104 -20.01 -7.56 -19.08
CA SER B 104 -20.53 -6.46 -18.28
C SER B 104 -19.94 -6.52 -16.87
N PHE B 105 -19.46 -5.38 -16.38
CA PHE B 105 -18.81 -5.30 -15.09
C PHE B 105 -19.32 -4.10 -14.31
N ARG B 106 -19.05 -4.12 -13.01
CA ARG B 106 -19.36 -3.00 -12.13
C ARG B 106 -18.07 -2.49 -11.50
N LEU B 107 -17.88 -1.18 -11.53
CA LEU B 107 -16.65 -0.58 -11.01
C LEU B 107 -16.76 -0.43 -9.50
N GLU B 108 -15.86 -1.10 -8.78
CA GLU B 108 -15.91 -1.13 -7.32
C GLU B 108 -14.60 -0.59 -6.74
N LYS B 109 -14.64 -0.29 -5.45
CA LYS B 109 -13.50 0.20 -4.69
C LYS B 109 -13.33 -0.70 -3.47
N ILE B 110 -12.16 -1.31 -3.32
CA ILE B 110 -11.86 -2.12 -2.14
C ILE B 110 -10.54 -1.67 -1.52
N LEU B 111 -10.40 -1.95 -0.23
CA LEU B 111 -9.22 -1.59 0.55
C LEU B 111 -8.27 -2.78 0.60
N VAL B 112 -7.00 -2.54 0.29
CA VAL B 112 -6.04 -3.62 0.15
C VAL B 112 -4.78 -3.25 0.91
N SER B 113 -4.41 -4.08 1.90
CA SER B 113 -3.18 -3.88 2.65
C SER B 113 -2.00 -4.22 1.76
N VAL B 114 -1.14 -3.26 1.52
CA VAL B 114 -0.01 -3.47 0.63
C VAL B 114 1.27 -3.68 1.40
N GLY B 115 1.30 -3.39 2.68
CA GLY B 115 2.52 -3.54 3.44
C GLY B 115 2.29 -3.08 4.86
N CYS B 116 3.37 -3.13 5.63
CA CYS B 116 3.34 -2.75 7.03
C CYS B 116 4.44 -1.74 7.26
N THR B 117 4.13 -0.74 8.08
CA THR B 117 5.12 0.20 8.59
C THR B 117 5.21 0.04 10.10
N CYS B 118 6.32 0.47 10.66
CA CYS B 118 6.53 0.50 12.10
C CYS B 118 6.16 1.87 12.66
N VAL B 119 5.25 1.92 13.64
CA VAL B 119 4.84 3.21 14.20
C VAL B 119 5.04 3.22 15.69
N THR B 120 5.27 4.40 16.20
CA THR B 120 5.16 4.60 17.61
C THR B 120 3.69 4.52 18.03
N PRO B 121 3.35 3.81 19.11
CA PRO B 121 1.96 3.83 19.57
C PRO B 121 1.55 5.26 19.94
N ILE B 122 0.24 5.54 19.91
CA ILE B 122 -0.19 6.91 20.16
C ILE B 122 0.18 7.36 21.56
N VAL B 123 0.20 6.46 22.51
CA VAL B 123 0.79 6.73 23.82
C VAL B 123 2.06 5.90 23.89
N HIS B 124 3.21 6.54 23.68
CA HIS B 124 4.47 5.85 23.50
C HIS B 124 5.28 5.82 24.78
C1 U6C C . 9.47 9.87 16.62
C11 U6C C . 10.77 6.11 17.71
C12 U6C C . 10.42 5.55 18.92
C14 U6C C . 11.60 3.69 18.51
C15 U6C C . 12.01 4.16 17.28
C16 U6C C . 11.59 5.39 16.88
C18 U6C C . 13.74 2.51 17.08
C19 U6C C . 13.15 1.15 17.01
C2 U6C C . 10.20 9.72 17.77
C20 U6C C . 13.32 0.26 18.04
C21 U6C C . 12.77 -0.99 17.98
C22 U6C C . 12.05 -1.37 16.87
C23 U6C C . 11.88 -0.49 15.83
C24 U6C C . 12.43 0.77 15.90
C25 U6C C . 11.20 12.55 20.00
C26 U6C C . 12.19 12.41 21.15
C28 U6C C . 13.29 14.61 21.10
C29 U6C C . 13.51 15.86 21.91
C3 U6C C . 10.63 8.47 18.15
C31 U6C C . 13.23 14.74 23.90
C32 U6C C . 12.97 13.43 23.19
C4 U6C C . 10.30 7.42 17.33
C5 U6C C . 9.58 7.59 16.16
C6 U6C C . 9.14 8.84 15.78
C9 U6C C . 10.31 11.03 18.33
N10 U6C C . 10.97 11.22 19.50
N13 U6C C . 10.81 4.36 19.35
N17 U6C C . 12.85 3.43 16.41
N27 U6C C . 12.38 13.70 21.86
N7 U6C C . 9.20 11.21 16.54
N8 U6C C . 9.70 11.93 17.56
O30 U6C C . 14.15 15.51 23.13
H38 U6C C . 9.77 6.10 19.60
H39 U6C C . 11.92 2.72 18.85
H40 U6C C . 11.88 5.80 15.92
H42 U6C C . 13.86 2.80 18.12
H43 U6C C . 14.72 2.50 16.59
H44 U6C C . 13.89 0.56 18.92
H45 U6C C . 12.90 -1.69 18.79
H46 U6C C . 11.62 -2.37 16.82
H47 U6C C . 11.32 -0.78 14.95
H48 U6C C . 12.31 1.46 15.07
H50 U6C C . 11.59 13.19 19.21
H49 U6C C . 10.26 12.98 20.36
H52 U6C C . 11.86 11.69 21.89
H51 U6C C . 13.18 12.12 20.78
H55 U6C C . 14.21 14.06 20.91
H54 U6C C . 12.80 14.81 20.14
H56 U6C C . 14.16 16.56 21.37
H57 U6C C . 12.57 16.36 22.14
H33 U6C C . 10.80 8.26 19.19
H58 U6C C . 12.30 15.32 24.00
H59 U6C C . 13.66 14.58 24.89
H61 U6C C . 12.25 12.82 23.74
H60 U6C C . 13.88 12.86 23.04
H34 U6C C . 9.36 6.72 15.55
H35 U6C C . 9.02 9.02 14.72
H37 U6C C . 10.68 10.61 20.26
H41 U6C C . 13.39 4.11 15.87
H36 U6C C . 8.68 11.70 15.82
H53 U6C C . 11.48 14.17 21.96
C1 U6C D . 16.08 -7.85 10.71
C11 U6C D . 17.35 -4.29 12.36
C12 U6C D . 18.61 -3.75 12.20
C14 U6C D . 18.06 -1.90 13.38
C15 U6C D . 16.77 -2.35 13.58
C16 U6C D . 16.42 -3.56 13.05
C18 U6C D . 16.23 -0.57 15.17
C19 U6C D . 16.20 0.75 14.48
C2 U6C D . 17.21 -7.88 11.53
C20 U6C D . 17.16 1.69 14.77
C21 U6C D . 17.14 2.91 14.15
C22 U6C D . 16.15 3.20 13.24
C23 U6C D . 15.20 2.27 12.96
C24 U6C D . 15.20 1.04 13.58
C25 U6C D . 18.95 -11.07 12.34
C26 U6C D . 18.14 -11.68 13.47
C28 U6C D . 17.27 -13.76 14.36
C29 U6C D . 17.29 -15.27 14.23
C3 U6C D . 17.66 -6.70 12.10
C31 U6C D . 19.35 -15.23 13.21
C32 U6C D . 19.46 -13.74 13.30
C4 U6C D . 16.97 -5.55 11.81
C5 U6C D . 15.85 -5.56 10.99
C6 U6C D . 15.37 -6.72 10.42
C9 U6C D . 17.60 -9.24 11.55
N10 U6C D . 18.68 -9.66 12.26
N13 U6C D . 18.99 -2.57 12.70
N17 U6C D . 15.78 -1.64 14.30
N27 U6C D . 18.10 -13.16 13.29
N7 U6C D . 15.89 -9.14 10.32
N8 U6C D . 16.80 -10.00 10.81
O30 U6C D . 18.63 -15.72 14.35
H38 U6C D . 19.37 -4.30 11.65
H39 U6C D . 18.37 -0.95 13.78
H40 U6C D . 15.42 -3.95 13.19
H42 U6C D . 17.26 -0.78 15.49
H43 U6C D . 15.59 -0.53 16.05
H44 U6C D . 17.94 1.46 15.49
H45 U6C D . 17.90 3.64 14.39
H46 U6C D . 16.14 4.17 12.75
H47 U6C D . 14.41 2.50 12.24
H48 U6C D . 14.44 0.31 13.35
H50 U6C D . 18.68 -11.55 11.40
H49 U6C D . 20.02 -11.22 12.53
H52 U6C D . 18.59 -11.49 14.45
H51 U6C D . 17.11 -11.33 13.48
H55 U6C D . 17.68 -13.42 15.32
H54 U6C D . 16.26 -13.36 14.25
H56 U6C D . 16.70 -15.73 15.03
H57 U6C D . 16.89 -15.57 13.27
H33 U6C D . 18.72 -6.62 12.35
H58 U6C D . 18.80 -15.53 12.31
H59 U6C D . 20.33 -15.70 13.19
H61 U6C D . 20.01 -13.31 12.45
H60 U6C D . 19.95 -13.41 14.23
H34 U6C D . 15.34 -4.63 10.81
H35 U6C D . 14.85 -6.65 9.48
H37 U6C D . 18.81 -9.21 13.17
H41 U6C D . 15.15 -1.25 13.60
H36 U6C D . 15.16 -9.51 9.71
H53 U6C D . 17.67 -13.37 12.37
#